data_4D0W
#
_entry.id   4D0W
#
_cell.length_a   93.246
_cell.length_b   102.097
_cell.length_c   68.232
_cell.angle_alpha   90.00
_cell.angle_beta   90.00
_cell.angle_gamma   90.00
#
_symmetry.space_group_name_H-M   'C 2 2 21'
#
loop_
_entity.id
_entity.type
_entity.pdbx_description
1 polymer 'TYROSINE-PROTEIN KINASE JAK2'
2 non-polymer GLYCEROL
3 non-polymer 5-(2-aminopyrimidin-4-yl)-2-(5-chloro-2-methylphenyl)-1H-pyrrole-3-carboxamide
4 water water
#
_entity_poly.entity_id   1
_entity_poly.type   'polypeptide(L)'
_entity_poly.pdbx_seq_one_letter_code
;AFEDRDPTQFEERHLKFLQQLGKGNFGSVEMCRYDPLQDNTGEVVAVKKLQHSTEEHLRDFEREIEILKSLQHDNIVKYK
GVCYSAGRRNLKLIMEYLPYGSLRDYLQKHKERIDHIKLLQYTSQICKGMEYLGTKRYIHRDLATRNILVENENRVKIGD
FGLTKVLPQDKE(PTR)(PTR)KVKEPGESPIFWYAPESLTESKFSVASDVWSFGVVLYELFTYIEKSKSPPAEFMRMIG
NDKQGQMIVFHLIELLKNNGRLPRPDGCPDEIYMIMTECWNNNVNQRPSFRDLALRVDQIRDNMAG
;
_entity_poly.pdbx_strand_id   A
#
loop_
_chem_comp.id
_chem_comp.type
_chem_comp.name
_chem_comp.formula
GOL non-polymer GLYCEROL 'C3 H8 O3'
VVQ non-polymer 5-(2-aminopyrimidin-4-yl)-2-(5-chloro-2-methylphenyl)-1H-pyrrole-3-carboxamide 'C16 H14 Cl N5 O'
#
# COMPACT_ATOMS: atom_id res chain seq x y z
N ARG A 5 19.93 -11.72 23.52
CA ARG A 5 18.89 -11.88 24.57
C ARG A 5 17.55 -11.23 24.22
N ASP A 6 17.57 -10.08 23.51
CA ASP A 6 16.33 -9.45 23.02
C ASP A 6 16.27 -9.66 21.49
N PRO A 7 15.36 -10.57 21.04
CA PRO A 7 15.31 -10.94 19.61
C PRO A 7 14.79 -9.81 18.68
N THR A 8 14.34 -8.64 19.21
CA THR A 8 14.00 -7.48 18.31
C THR A 8 15.28 -6.64 18.01
N GLN A 9 16.39 -7.05 18.65
CA GLN A 9 17.67 -6.34 18.47
C GLN A 9 18.50 -7.19 17.50
N PHE A 10 18.65 -6.72 16.27
CA PHE A 10 19.44 -7.52 15.31
C PHE A 10 20.81 -6.87 15.08
N GLU A 11 21.87 -7.68 15.13
CA GLU A 11 23.21 -7.17 14.89
C GLU A 11 23.49 -7.27 13.42
N GLU A 12 23.84 -6.14 12.80
CA GLU A 12 23.92 -6.07 11.34
C GLU A 12 24.98 -6.97 10.78
N ARG A 13 26.04 -7.21 11.55
CA ARG A 13 27.17 -8.02 11.06
C ARG A 13 26.70 -9.44 10.78
N HIS A 14 25.60 -9.85 11.44
CA HIS A 14 25.04 -11.20 11.20
C HIS A 14 23.93 -11.23 10.17
N LEU A 15 23.61 -10.11 9.54
CA LEU A 15 22.65 -10.13 8.45
C LEU A 15 23.34 -10.44 7.15
N LYS A 16 23.06 -11.59 6.59
CA LYS A 16 23.65 -11.95 5.29
C LYS A 16 22.73 -11.61 4.15
N PHE A 17 23.21 -10.85 3.17
CA PHE A 17 22.40 -10.52 2.00
C PHE A 17 22.12 -11.74 1.15
N LEU A 18 20.87 -11.92 0.72
CA LEU A 18 20.48 -13.03 -0.11
C LEU A 18 20.02 -12.49 -1.47
N GLN A 19 19.10 -11.51 -1.46
CA GLN A 19 18.71 -10.88 -2.70
C GLN A 19 17.91 -9.65 -2.53
N GLN A 20 17.87 -8.83 -3.58
CA GLN A 20 17.16 -7.57 -3.52
C GLN A 20 15.66 -7.88 -3.72
N LEU A 21 14.77 -7.20 -3.02
CA LEU A 21 13.33 -7.56 -3.17
C LEU A 21 12.61 -6.45 -3.87
N GLY A 22 12.99 -5.19 -3.60
CA GLY A 22 12.30 -4.06 -4.23
C GLY A 22 12.99 -2.77 -3.86
N LYS A 23 12.68 -1.69 -4.62
CA LYS A 23 13.22 -0.29 -4.38
C LYS A 23 12.09 0.71 -4.63
N GLY A 24 11.91 1.74 -3.78
CA GLY A 24 10.71 2.59 -3.87
C GLY A 24 10.90 4.05 -3.49
N PHE A 26 13.44 6.57 -2.04
CA PHE A 26 13.55 6.51 -0.59
C PHE A 26 14.31 5.28 -0.07
N GLY A 27 13.69 4.11 -0.25
CA GLY A 27 14.02 2.89 0.49
C GLY A 27 14.26 1.71 -0.43
N SER A 28 14.86 0.68 0.17
CA SER A 28 15.15 -0.55 -0.48
C SER A 28 14.74 -1.69 0.47
N VAL A 29 14.20 -2.79 -0.04
CA VAL A 29 13.95 -4.01 0.79
C VAL A 29 14.80 -5.14 0.27
N GLU A 30 15.58 -5.74 1.16
CA GLU A 30 16.34 -6.95 0.78
C GLU A 30 15.93 -8.16 1.56
N MET A 31 16.02 -9.36 0.98
CA MET A 31 15.90 -10.59 1.70
C MET A 31 17.33 -10.91 2.27
N CYS A 32 17.39 -11.20 3.57
CA CYS A 32 18.66 -11.45 4.33
C CYS A 32 18.44 -12.69 5.15
N ARG A 33 19.51 -13.45 5.44
CA ARG A 33 19.40 -14.44 6.45
C ARG A 33 20.09 -13.92 7.73
N TYR A 34 19.37 -13.96 8.85
CA TYR A 34 19.95 -13.49 10.13
C TYR A 34 20.64 -14.70 10.66
N ASP A 35 21.98 -14.71 10.56
CA ASP A 35 22.69 -15.97 10.70
C ASP A 35 23.86 -15.84 11.71
N PRO A 36 23.55 -15.62 12.99
CA PRO A 36 24.66 -15.39 13.96
C PRO A 36 25.51 -16.61 14.25
N LEU A 37 25.02 -17.84 13.98
CA LEU A 37 25.91 -19.02 14.07
C LEU A 37 26.68 -19.28 12.78
N GLN A 38 26.45 -18.48 11.75
CA GLN A 38 27.35 -18.49 10.60
C GLN A 38 27.38 -19.87 9.93
N ASP A 39 26.22 -20.49 9.72
CA ASP A 39 26.21 -21.88 9.21
C ASP A 39 25.00 -22.03 8.31
N ASN A 40 24.52 -20.86 7.87
CA ASN A 40 23.42 -20.75 6.95
C ASN A 40 22.12 -21.38 7.45
N THR A 41 22.00 -21.56 8.77
CA THR A 41 20.73 -22.04 9.31
C THR A 41 19.78 -20.96 9.87
N GLY A 42 20.15 -19.68 9.82
CA GLY A 42 19.36 -18.67 10.56
C GLY A 42 18.06 -18.37 9.82
N GLU A 43 17.26 -17.53 10.47
CA GLU A 43 15.95 -17.12 9.92
C GLU A 43 16.10 -16.18 8.73
N VAL A 44 15.28 -16.38 7.69
CA VAL A 44 15.28 -15.45 6.58
C VAL A 44 14.28 -14.34 6.92
N VAL A 45 14.66 -13.08 6.70
CA VAL A 45 13.81 -11.94 7.11
C VAL A 45 13.87 -10.93 5.96
N ALA A 46 12.96 -9.96 5.94
CA ALA A 46 13.02 -8.91 4.95
C ALA A 46 13.57 -7.68 5.66
N VAL A 47 14.43 -6.94 5.00
CA VAL A 47 15.11 -5.80 5.68
C VAL A 47 14.94 -4.52 4.87
N LYS A 48 14.31 -3.49 5.47
CA LYS A 48 14.15 -2.24 4.79
C LYS A 48 15.19 -1.24 5.23
N LYS A 49 15.83 -0.54 4.30
CA LYS A 49 16.81 0.50 4.68
C LYS A 49 16.66 1.69 3.73
N LEU A 50 17.28 2.83 4.12
CA LEU A 50 17.18 4.03 3.27
C LEU A 50 18.25 4.06 2.23
N GLN A 51 17.94 4.57 1.03
CA GLN A 51 19.04 4.67 0.06
C GLN A 51 19.89 5.95 0.35
N HIS A 52 19.20 7.01 0.78
CA HIS A 52 19.80 8.27 1.22
C HIS A 52 19.38 8.57 2.61
N SER A 53 20.25 8.23 3.53
CA SER A 53 19.83 8.33 4.93
C SER A 53 20.17 9.71 5.45
N THR A 54 19.52 10.74 4.86
CA THR A 54 19.63 12.12 5.34
C THR A 54 18.96 12.22 6.70
N GLU A 55 19.28 13.29 7.43
CA GLU A 55 18.72 13.44 8.78
C GLU A 55 17.19 13.50 8.72
N GLU A 56 16.67 14.20 7.70
CA GLU A 56 15.24 14.35 7.47
CA GLU A 56 15.21 14.31 7.56
C GLU A 56 14.58 12.99 7.17
N HIS A 57 15.24 12.20 6.31
CA HIS A 57 14.69 10.87 5.97
C HIS A 57 14.72 9.94 7.13
N LEU A 58 15.81 9.99 7.91
CA LEU A 58 15.99 9.12 9.10
C LEU A 58 14.88 9.40 10.06
N ARG A 59 14.56 10.68 10.21
CA ARG A 59 13.52 11.03 11.12
C ARG A 59 12.13 10.46 10.69
N ASP A 60 11.86 10.52 9.39
CA ASP A 60 10.60 10.03 8.89
C ASP A 60 10.61 8.53 8.99
N PHE A 61 11.75 7.91 8.71
CA PHE A 61 11.87 6.46 8.77
C PHE A 61 11.67 5.93 10.20
N GLU A 62 12.20 6.64 11.20
CA GLU A 62 12.02 6.19 12.57
C GLU A 62 10.53 6.28 12.95
N ARG A 63 9.79 7.27 12.41
CA ARG A 63 8.34 7.34 12.63
C ARG A 63 7.61 6.18 11.92
N GLU A 64 8.06 5.80 10.72
CA GLU A 64 7.48 4.67 9.97
C GLU A 64 7.64 3.37 10.79
N ILE A 65 8.85 3.17 11.36
CA ILE A 65 9.13 2.01 12.18
C ILE A 65 8.19 1.97 13.41
N GLU A 66 8.01 3.12 14.06
CA GLU A 66 7.07 3.09 15.22
C GLU A 66 5.65 2.79 14.74
N ILE A 67 5.26 3.38 13.60
CA ILE A 67 3.92 3.00 13.03
C ILE A 67 3.76 1.50 12.87
N LEU A 68 4.71 0.87 12.18
CA LEU A 68 4.64 -0.57 11.99
C LEU A 68 4.63 -1.37 13.29
N LYS A 69 5.48 -0.97 14.21
CA LYS A 69 5.61 -1.68 15.50
C LYS A 69 4.27 -1.62 16.27
N SER A 70 3.51 -0.54 16.07
CA SER A 70 2.25 -0.38 16.77
C SER A 70 1.07 -1.19 16.17
N LEU A 71 1.25 -1.80 14.99
CA LEU A 71 0.12 -2.48 14.27
C LEU A 71 0.30 -3.99 14.47
N GLN A 72 -0.75 -4.65 14.96
CA GLN A 72 -0.73 -6.09 15.10
C GLN A 72 -2.03 -6.58 14.51
N HIS A 73 -1.96 -7.13 13.32
CA HIS A 73 -3.22 -7.59 12.63
C HIS A 73 -2.84 -8.65 11.66
N ASP A 74 -3.74 -9.63 11.44
CA ASP A 74 -3.46 -10.70 10.45
C ASP A 74 -3.13 -10.18 9.03
N ASN A 75 -3.64 -9.00 8.67
CA ASN A 75 -3.42 -8.52 7.27
C ASN A 75 -2.47 -7.29 7.23
N ILE A 76 -1.53 -7.22 8.23
CA ILE A 76 -0.48 -6.22 8.20
C ILE A 76 0.83 -6.93 8.44
N VAL A 77 1.83 -6.68 7.58
CA VAL A 77 3.12 -7.44 7.68
C VAL A 77 3.67 -7.30 9.13
N LYS A 78 4.31 -8.38 9.64
CA LYS A 78 4.78 -8.30 11.07
C LYS A 78 6.14 -7.64 11.19
N TYR A 79 6.22 -6.68 12.09
CA TYR A 79 7.49 -6.10 12.55
C TYR A 79 8.27 -7.19 13.32
N LYS A 80 9.57 -7.24 13.09
CA LYS A 80 10.40 -8.19 13.87
C LYS A 80 11.41 -7.41 14.73
N GLY A 81 11.98 -6.31 14.20
CA GLY A 81 12.96 -5.59 15.00
C GLY A 81 13.62 -4.53 14.23
N VAL A 82 14.76 -4.04 14.76
CA VAL A 82 15.54 -3.01 14.09
C VAL A 82 17.06 -3.35 14.24
N CYS A 83 17.84 -2.82 13.29
CA CYS A 83 19.28 -2.83 13.33
CA CYS A 83 19.32 -2.74 13.33
C CYS A 83 19.72 -1.37 13.53
N TYR A 84 20.58 -1.16 14.53
CA TYR A 84 21.20 0.17 14.68
C TYR A 84 22.72 0.16 14.32
N SER A 85 23.15 1.17 13.55
CA SER A 85 24.63 1.35 13.28
C SER A 85 25.26 2.32 14.26
N ALA A 86 26.56 2.07 14.52
CA ALA A 86 27.43 2.89 15.41
C ALA A 86 27.53 4.32 14.84
N GLY A 87 27.69 5.34 15.69
CA GLY A 87 27.99 6.71 15.18
C GLY A 87 26.77 7.50 14.67
N ARG A 88 26.64 7.64 13.33
CA ARG A 88 25.51 8.38 12.68
C ARG A 88 24.12 7.71 12.81
N ARG A 89 24.08 6.51 13.34
CA ARG A 89 22.78 5.90 13.77
C ARG A 89 21.83 5.72 12.58
N ASN A 90 22.35 5.07 11.55
CA ASN A 90 21.51 4.63 10.45
C ASN A 90 20.63 3.45 10.92
N LEU A 91 19.51 3.20 10.26
CA LEU A 91 18.53 2.27 10.84
C LEU A 91 18.12 1.26 9.81
N LYS A 92 17.91 0.02 10.20
CA LYS A 92 17.24 -0.93 9.28
C LYS A 92 16.04 -1.52 9.95
N LEU A 93 14.95 -1.58 9.20
CA LEU A 93 13.74 -2.19 9.74
C LEU A 93 13.66 -3.66 9.38
N ILE A 94 13.46 -4.52 10.36
CA ILE A 94 13.45 -5.99 10.11
C ILE A 94 11.99 -6.47 10.17
N MET A 95 11.52 -7.17 9.14
CA MET A 95 10.12 -7.64 9.10
C MET A 95 10.08 -9.04 8.66
N GLU A 96 8.95 -9.68 8.84
CA GLU A 96 8.81 -11.07 8.31
C GLU A 96 8.94 -11.07 6.76
N TYR A 97 9.56 -12.10 6.24
CA TYR A 97 9.68 -12.34 4.82
C TYR A 97 8.43 -13.10 4.34
N LEU A 98 7.72 -12.50 3.41
CA LEU A 98 6.45 -13.05 2.89
C LEU A 98 6.74 -13.60 1.50
N PRO A 99 6.73 -14.92 1.39
CA PRO A 99 7.51 -15.51 0.24
C PRO A 99 6.91 -15.44 -1.15
N TYR A 100 5.60 -15.21 -1.27
CA TYR A 100 5.04 -14.93 -2.60
C TYR A 100 5.16 -13.53 -3.14
N GLY A 101 5.77 -12.60 -2.39
CA GLY A 101 6.17 -11.32 -2.98
C GLY A 101 4.98 -10.33 -3.07
N SER A 102 5.10 -9.30 -3.86
CA SER A 102 4.00 -8.30 -3.98
C SER A 102 2.80 -8.84 -4.70
N LEU A 103 1.63 -8.44 -4.26
CA LEU A 103 0.37 -8.88 -4.91
C LEU A 103 0.40 -8.40 -6.38
N ARG A 104 0.97 -7.22 -6.63
CA ARG A 104 1.02 -6.72 -8.03
C ARG A 104 1.80 -7.78 -8.93
N ASP A 105 2.98 -8.20 -8.44
CA ASP A 105 3.77 -9.24 -9.17
C ASP A 105 3.09 -10.57 -9.26
N TYR A 106 2.49 -11.00 -8.16
CA TYR A 106 1.84 -12.24 -8.07
C TYR A 106 0.61 -12.35 -9.04
N LEU A 107 -0.17 -11.26 -9.09
CA LEU A 107 -1.37 -11.30 -9.93
C LEU A 107 -0.90 -11.15 -11.40
N GLN A 108 0.14 -10.34 -11.66
CA GLN A 108 0.67 -10.18 -13.02
C GLN A 108 1.15 -11.55 -13.53
N LYS A 109 1.57 -12.44 -12.62
CA LYS A 109 2.18 -13.68 -12.99
C LYS A 109 1.17 -14.74 -13.20
N HIS A 110 0.20 -14.84 -12.29
CA HIS A 110 -0.84 -15.85 -12.44
C HIS A 110 -2.09 -15.39 -13.26
N LYS A 111 -2.38 -14.08 -13.30
CA LYS A 111 -3.50 -13.53 -14.13
C LYS A 111 -4.75 -14.32 -13.80
N GLU A 112 -5.51 -14.75 -14.79
CA GLU A 112 -6.82 -15.27 -14.54
C GLU A 112 -6.89 -16.61 -13.85
N ARG A 113 -5.73 -17.29 -13.65
CA ARG A 113 -5.70 -18.54 -12.82
C ARG A 113 -6.08 -18.25 -11.34
N ILE A 114 -6.08 -16.99 -10.99
CA ILE A 114 -6.60 -16.60 -9.69
C ILE A 114 -8.05 -16.22 -9.97
N ASP A 115 -9.02 -16.91 -9.38
CA ASP A 115 -10.36 -16.65 -9.83
C ASP A 115 -11.04 -15.57 -8.98
N HIS A 116 -12.27 -15.22 -9.29
CA HIS A 116 -12.94 -14.12 -8.57
C HIS A 116 -13.06 -14.40 -7.12
N ILE A 117 -13.33 -15.65 -6.74
CA ILE A 117 -13.45 -16.00 -5.32
C ILE A 117 -12.16 -15.61 -4.53
N LYS A 118 -11.01 -15.97 -5.09
CA LYS A 118 -9.71 -15.64 -4.56
C LYS A 118 -9.57 -14.12 -4.58
N LEU A 119 -9.82 -13.48 -5.74
CA LEU A 119 -9.72 -12.00 -5.72
C LEU A 119 -10.52 -11.31 -4.56
N LEU A 120 -11.73 -11.79 -4.30
CA LEU A 120 -12.56 -11.17 -3.24
C LEU A 120 -12.06 -11.55 -1.82
N GLN A 121 -11.46 -12.72 -1.66
CA GLN A 121 -10.78 -13.05 -0.41
C GLN A 121 -9.63 -12.02 -0.17
N TYR A 122 -8.83 -11.70 -1.21
CA TYR A 122 -7.78 -10.71 -1.04
C TYR A 122 -8.39 -9.37 -0.73
N THR A 123 -9.44 -9.03 -1.46
CA THR A 123 -10.12 -7.75 -1.25
C THR A 123 -10.58 -7.56 0.22
N SER A 124 -11.25 -8.59 0.74
CA SER A 124 -11.71 -8.60 2.12
C SER A 124 -10.53 -8.40 3.09
N GLN A 125 -9.44 -9.12 2.84
CA GLN A 125 -8.29 -9.00 3.75
C GLN A 125 -7.66 -7.59 3.73
N ILE A 126 -7.53 -7.01 2.54
CA ILE A 126 -7.01 -5.65 2.39
C ILE A 126 -7.98 -4.68 3.14
N CYS A 127 -9.29 -4.83 2.88
CA CYS A 127 -10.28 -4.02 3.64
CA CYS A 127 -10.27 -4.06 3.60
C CYS A 127 -10.07 -4.12 5.14
N LYS A 128 -9.87 -5.35 5.64
CA LYS A 128 -9.72 -5.50 7.09
C LYS A 128 -8.45 -4.90 7.66
N GLY A 129 -7.35 -5.06 6.93
CA GLY A 129 -6.11 -4.36 7.31
C GLY A 129 -6.27 -2.87 7.38
N MET A 130 -6.96 -2.32 6.38
CA MET A 130 -7.24 -0.89 6.37
C MET A 130 -8.19 -0.41 7.45
N GLU A 131 -9.27 -1.13 7.68
CA GLU A 131 -10.15 -0.82 8.81
C GLU A 131 -9.42 -0.79 10.12
N TYR A 132 -8.57 -1.79 10.32
CA TYR A 132 -7.77 -1.77 11.56
C TYR A 132 -6.82 -0.54 11.62
N LEU A 133 -6.15 -0.20 10.51
CA LEU A 133 -5.22 0.92 10.46
C LEU A 133 -5.99 2.16 10.84
N GLY A 134 -7.25 2.28 10.37
CA GLY A 134 -7.94 3.57 10.65
C GLY A 134 -8.36 3.65 12.12
N THR A 135 -8.48 2.54 12.83
CA THR A 135 -8.80 2.60 14.27
C THR A 135 -7.61 3.25 15.08
N LYS A 136 -6.40 3.24 14.54
CA LYS A 136 -5.24 3.89 15.11
C LYS A 136 -5.08 5.32 14.59
N ARG A 137 -6.02 5.78 13.73
CA ARG A 137 -5.95 7.14 13.14
C ARG A 137 -4.71 7.31 12.26
N TYR A 138 -4.31 6.22 11.59
CA TYR A 138 -3.28 6.35 10.59
C TYR A 138 -3.89 6.42 9.16
N ILE A 139 -3.23 7.15 8.28
CA ILE A 139 -3.69 7.36 6.88
C ILE A 139 -2.56 6.80 6.05
N HIS A 140 -2.86 5.73 5.28
CA HIS A 140 -1.81 5.07 4.54
C HIS A 140 -1.19 5.87 3.41
N ARG A 141 -2.07 6.55 2.61
CA ARG A 141 -1.66 7.46 1.50
C ARG A 141 -1.09 6.74 0.27
N ASP A 142 -0.83 5.43 0.35
CA ASP A 142 -0.17 4.75 -0.82
C ASP A 142 -0.74 3.36 -1.02
N LEU A 143 -2.09 3.25 -0.87
CA LEU A 143 -2.69 1.90 -0.98
C LEU A 143 -2.78 1.50 -2.46
N ALA A 144 -2.07 0.46 -2.87
CA ALA A 144 -1.87 0.08 -4.34
C ALA A 144 -1.42 -1.35 -4.25
N THR A 145 -1.75 -2.18 -5.26
CA THR A 145 -1.33 -3.58 -5.17
C THR A 145 0.21 -3.72 -5.01
N ARG A 146 0.95 -2.72 -5.45
CA ARG A 146 2.42 -2.81 -5.28
C ARG A 146 2.90 -2.79 -3.79
N ASN A 147 2.03 -2.33 -2.89
CA ASN A 147 2.33 -2.31 -1.47
C ASN A 147 1.64 -3.37 -0.64
N ILE A 148 0.98 -4.35 -1.28
CA ILE A 148 0.34 -5.45 -0.61
C ILE A 148 1.22 -6.69 -0.91
N LEU A 149 1.35 -7.58 0.07
CA LEU A 149 2.32 -8.68 -0.08
C LEU A 149 1.51 -9.98 0.15
N VAL A 150 1.97 -11.05 -0.46
CA VAL A 150 1.27 -12.32 -0.45
C VAL A 150 2.05 -13.30 0.45
N GLU A 151 1.42 -13.69 1.54
CA GLU A 151 2.05 -14.68 2.44
C GLU A 151 1.98 -16.08 1.85
N ASN A 152 0.78 -16.42 1.38
CA ASN A 152 0.51 -17.71 0.72
C ASN A 152 -0.76 -17.52 -0.09
N GLU A 153 -1.20 -18.58 -0.81
CA GLU A 153 -2.41 -18.43 -1.62
C GLU A 153 -3.64 -17.94 -0.85
N ASN A 154 -3.70 -18.13 0.49
CA ASN A 154 -4.91 -17.77 1.24
C ASN A 154 -4.79 -16.47 2.07
N ARG A 155 -3.69 -15.75 1.94
CA ARG A 155 -3.52 -14.59 2.85
C ARG A 155 -2.60 -13.49 2.28
N VAL A 156 -3.12 -12.26 2.22
CA VAL A 156 -2.26 -11.13 1.84
C VAL A 156 -2.17 -10.18 3.03
N LYS A 157 -1.21 -9.25 2.97
CA LYS A 157 -1.04 -8.32 4.07
C LYS A 157 -0.58 -6.97 3.49
N ILE A 158 -0.96 -5.88 4.13
CA ILE A 158 -0.47 -4.54 3.73
C ILE A 158 0.99 -4.57 4.13
N GLY A 159 1.89 -4.18 3.22
CA GLY A 159 3.33 -4.58 3.36
C GLY A 159 4.30 -3.44 3.43
N ASP A 160 3.84 -2.18 3.26
CA ASP A 160 4.76 -1.04 3.40
C ASP A 160 3.99 0.13 3.92
N PHE A 161 4.62 0.99 4.76
CA PHE A 161 3.95 2.15 5.41
C PHE A 161 4.77 3.40 5.21
N GLY A 162 5.51 3.46 4.10
CA GLY A 162 6.51 4.54 3.91
C GLY A 162 5.91 5.90 3.73
N LEU A 163 4.64 6.00 3.28
CA LEU A 163 3.99 7.35 3.22
C LEU A 163 2.93 7.58 4.32
N THR A 164 2.80 6.63 5.27
CA THR A 164 1.72 6.63 6.27
C THR A 164 1.90 7.84 7.22
N LYS A 165 0.78 8.56 7.51
CA LYS A 165 0.77 9.71 8.43
C LYS A 165 -0.19 9.46 9.56
N VAL A 166 0.07 10.12 10.70
CA VAL A 166 -0.87 10.04 11.83
C VAL A 166 -1.72 11.30 11.80
N LEU A 167 -3.02 11.15 11.91
CA LEU A 167 -3.97 12.29 11.93
C LEU A 167 -3.67 13.17 13.14
N PRO A 168 -3.69 14.48 12.97
CA PRO A 168 -3.70 15.37 14.15
C PRO A 168 -4.82 14.96 15.11
N GLN A 169 -4.64 15.19 16.42
CA GLN A 169 -5.69 14.94 17.42
C GLN A 169 -7.09 15.53 17.07
N ASP A 170 -7.13 16.75 16.60
CA ASP A 170 -8.41 17.42 16.42
C ASP A 170 -8.84 17.56 14.95
N LYS A 171 -8.20 16.83 14.01
CA LYS A 171 -8.53 16.98 12.58
C LYS A 171 -8.81 15.60 11.95
N GLU A 172 -9.65 15.51 10.92
CA GLU A 172 -9.89 14.20 10.30
C GLU A 172 -9.07 14.04 9.01
N PTR A 173 -8.14 14.96 8.76
CA PTR A 173 -7.27 14.93 7.59
C PTR A 173 -5.90 15.34 7.98
O PTR A 173 -5.71 16.07 8.96
CB PTR A 173 -7.82 15.76 6.40
CG PTR A 173 -7.88 17.23 6.75
CD1 PTR A 173 -6.73 17.99 6.55
CD2 PTR A 173 -9.07 17.76 7.30
CE1 PTR A 173 -6.76 19.33 6.95
CE2 PTR A 173 -9.11 19.12 7.66
CZ PTR A 173 -7.94 19.88 7.47
OH PTR A 173 -7.85 21.21 7.80
P PTR A 173 -8.82 22.32 7.16
O1P PTR A 173 -8.21 23.50 7.91
O2P PTR A 173 -10.22 21.93 7.60
O3P PTR A 173 -8.53 22.26 5.68
N PTR A 174 -4.92 14.99 7.15
CA PTR A 174 -3.56 15.47 7.32
C PTR A 174 -3.25 16.19 6.03
O PTR A 174 -3.47 15.58 4.96
CB PTR A 174 -2.72 14.19 7.45
CG PTR A 174 -1.28 14.52 7.73
CD1 PTR A 174 -0.78 14.57 9.06
CD2 PTR A 174 -0.46 14.82 6.63
CE1 PTR A 174 0.56 14.90 9.29
CE2 PTR A 174 0.86 15.17 6.85
CZ PTR A 174 1.35 15.22 8.16
OH PTR A 174 2.68 15.56 8.19
P PTR A 174 3.70 15.51 9.39
O1P PTR A 174 3.77 14.04 9.76
O2P PTR A 174 3.03 16.38 10.45
O3P PTR A 174 4.98 16.05 8.80
N LYS A 175 -2.74 17.41 6.10
CA LYS A 175 -2.35 18.16 4.90
C LYS A 175 -0.86 18.11 4.67
N VAL A 176 -0.42 17.66 3.48
CA VAL A 176 1.01 17.56 3.18
C VAL A 176 1.51 18.88 2.56
N LYS A 177 2.44 19.56 3.20
CA LYS A 177 2.71 20.95 2.72
C LYS A 177 3.61 21.01 1.47
N GLU A 178 4.61 20.14 1.48
CA GLU A 178 5.58 20.06 0.38
C GLU A 178 5.70 18.62 -0.14
N PRO A 179 4.75 18.22 -0.98
CA PRO A 179 4.75 16.83 -1.42
C PRO A 179 6.04 16.35 -2.14
N GLY A 180 6.39 15.11 -1.83
CA GLY A 180 7.46 14.35 -2.49
C GLY A 180 6.88 13.63 -3.71
N GLU A 181 7.41 12.47 -4.02
CA GLU A 181 6.86 11.71 -5.14
C GLU A 181 5.44 11.22 -4.67
N SER A 182 4.46 11.29 -5.56
CA SER A 182 3.06 11.19 -5.16
C SER A 182 2.45 10.26 -6.20
N PRO A 183 1.75 9.21 -5.77
CA PRO A 183 1.20 8.26 -6.76
C PRO A 183 -0.19 8.80 -7.25
N ILE A 184 -0.11 9.83 -8.05
CA ILE A 184 -1.29 10.67 -8.39
C ILE A 184 -2.42 9.90 -9.03
N PHE A 185 -2.12 8.81 -9.72
CA PHE A 185 -3.13 7.98 -10.36
C PHE A 185 -4.00 7.18 -9.37
N TRP A 186 -3.62 7.18 -8.09
CA TRP A 186 -4.40 6.50 -7.02
C TRP A 186 -5.00 7.58 -6.09
N TYR A 187 -4.78 8.86 -6.38
CA TYR A 187 -5.17 9.91 -5.42
C TYR A 187 -6.60 10.38 -5.61
N ALA A 188 -7.28 10.65 -4.49
CA ALA A 188 -8.61 11.32 -4.49
C ALA A 188 -8.45 12.76 -4.98
N PRO A 189 -9.52 13.35 -5.54
CA PRO A 189 -9.43 14.74 -6.06
C PRO A 189 -8.97 15.70 -5.04
N GLU A 190 -9.46 15.60 -3.76
CA GLU A 190 -9.00 16.57 -2.77
C GLU A 190 -7.51 16.42 -2.34
N SER A 191 -6.97 15.24 -2.56
CA SER A 191 -5.52 15.07 -2.37
C SER A 191 -4.75 15.77 -3.50
N LEU A 192 -5.21 15.64 -4.72
CA LEU A 192 -4.59 16.38 -5.85
C LEU A 192 -4.75 17.88 -5.77
N THR A 193 -5.90 18.37 -5.32
CA THR A 193 -6.10 19.82 -5.30
C THR A 193 -5.60 20.51 -4.06
N GLU A 194 -5.81 19.88 -2.87
CA GLU A 194 -5.48 20.47 -1.58
C GLU A 194 -4.41 19.72 -0.77
N SER A 195 -3.86 18.63 -1.32
CA SER A 195 -2.92 17.73 -0.53
C SER A 195 -3.51 17.29 0.81
N LYS A 196 -4.83 17.12 0.85
CA LYS A 196 -5.52 16.60 2.05
C LYS A 196 -5.70 15.09 2.01
N PHE A 197 -5.28 14.37 3.06
CA PHE A 197 -5.39 12.90 3.11
C PHE A 197 -6.16 12.49 4.31
N SER A 198 -7.03 11.50 4.17
CA SER A 198 -7.92 11.15 5.23
C SER A 198 -8.27 9.68 5.08
N VAL A 199 -9.07 9.14 6.00
CA VAL A 199 -9.58 7.79 5.78
C VAL A 199 -10.30 7.72 4.41
N ALA A 200 -11.04 8.77 4.12
CA ALA A 200 -11.87 8.74 2.90
C ALA A 200 -10.99 8.77 1.63
N SER A 201 -9.83 9.44 1.67
CA SER A 201 -8.94 9.38 0.50
C SER A 201 -8.33 7.98 0.43
N ASP A 202 -8.01 7.30 1.56
CA ASP A 202 -7.58 5.90 1.45
C ASP A 202 -8.68 5.02 0.83
N VAL A 203 -9.93 5.30 1.16
CA VAL A 203 -11.06 4.52 0.52
C VAL A 203 -11.09 4.74 -1.00
N TRP A 204 -10.88 5.98 -1.43
CA TRP A 204 -10.78 6.24 -2.92
C TRP A 204 -9.68 5.35 -3.51
N SER A 205 -8.51 5.29 -2.84
CA SER A 205 -7.39 4.48 -3.38
CA SER A 205 -7.37 4.50 -3.31
C SER A 205 -7.73 3.02 -3.35
N PHE A 206 -8.43 2.58 -2.32
CA PHE A 206 -8.91 1.18 -2.26
C PHE A 206 -9.76 0.82 -3.53
N GLY A 207 -10.58 1.75 -3.97
CA GLY A 207 -11.40 1.46 -5.19
C GLY A 207 -10.40 1.25 -6.37
N VAL A 208 -9.31 2.01 -6.41
CA VAL A 208 -8.28 1.84 -7.46
C VAL A 208 -7.61 0.44 -7.29
N VAL A 209 -7.29 0.03 -6.02
CA VAL A 209 -6.80 -1.34 -5.81
C VAL A 209 -7.76 -2.43 -6.38
N LEU A 210 -9.07 -2.24 -6.16
CA LEU A 210 -10.08 -3.19 -6.63
C LEU A 210 -10.09 -3.22 -8.16
N TYR A 211 -9.91 -2.05 -8.78
CA TYR A 211 -9.73 -1.93 -10.23
C TYR A 211 -8.45 -2.74 -10.67
N GLU A 212 -7.33 -2.57 -9.95
CA GLU A 212 -6.11 -3.29 -10.33
C GLU A 212 -6.38 -4.74 -10.28
N LEU A 213 -6.97 -5.24 -9.18
CA LEU A 213 -7.20 -6.67 -9.05
C LEU A 213 -8.00 -7.22 -10.25
N PHE A 214 -9.08 -6.52 -10.55
CA PHE A 214 -9.96 -6.97 -11.62
C PHE A 214 -9.48 -6.83 -13.05
N THR A 215 -8.41 -6.06 -13.28
CA THR A 215 -7.77 -6.01 -14.56
C THR A 215 -6.62 -6.98 -14.64
N TYR A 216 -6.37 -7.66 -13.52
CA TYR A 216 -5.25 -8.63 -13.42
C TYR A 216 -3.88 -7.97 -13.75
N ILE A 217 -3.73 -6.67 -13.44
CA ILE A 217 -2.53 -5.92 -13.70
C ILE A 217 -2.18 -5.92 -15.19
N GLU A 218 -3.18 -6.01 -16.07
CA GLU A 218 -2.86 -5.89 -17.48
C GLU A 218 -2.34 -4.44 -17.75
N LYS A 219 -1.12 -4.38 -18.27
CA LYS A 219 -0.30 -3.18 -18.52
C LYS A 219 -1.01 -2.01 -19.21
N SER A 220 -1.61 -2.31 -20.36
CA SER A 220 -2.35 -1.37 -21.18
C SER A 220 -3.58 -0.87 -20.43
N LYS A 221 -3.95 -1.59 -19.37
CA LYS A 221 -5.14 -1.22 -18.56
C LYS A 221 -4.88 -0.62 -17.15
N SER A 222 -3.62 -0.29 -16.87
CA SER A 222 -3.16 0.14 -15.53
C SER A 222 -3.79 1.53 -15.34
N PRO A 223 -3.95 1.97 -14.08
CA PRO A 223 -4.46 3.31 -13.84
C PRO A 223 -3.62 4.40 -14.57
N PRO A 224 -2.27 4.36 -14.54
CA PRO A 224 -1.55 5.42 -15.31
C PRO A 224 -1.88 5.36 -16.80
N ALA A 225 -1.93 4.19 -17.38
CA ALA A 225 -2.17 4.12 -18.84
C ALA A 225 -3.56 4.65 -19.12
N GLU A 226 -4.58 4.29 -18.31
CA GLU A 226 -5.96 4.66 -18.64
C GLU A 226 -6.19 6.15 -18.41
N PHE A 227 -5.72 6.69 -17.26
CA PHE A 227 -5.90 8.13 -17.05
C PHE A 227 -5.13 8.92 -18.12
N MET A 228 -3.93 8.46 -18.52
CA MET A 228 -3.14 9.21 -19.56
C MET A 228 -3.86 9.19 -20.88
N ARG A 229 -4.50 8.06 -21.15
CA ARG A 229 -5.33 7.99 -22.32
C ARG A 229 -6.53 8.99 -22.28
N MET A 230 -7.14 9.12 -21.11
CA MET A 230 -8.31 9.96 -21.01
C MET A 230 -7.92 11.44 -20.99
N ILE A 231 -6.75 11.79 -20.46
CA ILE A 231 -6.39 13.20 -20.50
C ILE A 231 -5.64 13.53 -21.78
N GLY A 232 -5.10 12.48 -22.43
CA GLY A 232 -4.28 12.63 -23.66
C GLY A 232 -2.82 12.38 -23.32
N ASN A 233 -2.24 11.45 -24.09
CA ASN A 233 -0.78 11.12 -23.90
C ASN A 233 0.20 12.25 -24.17
N ASP A 234 -0.28 13.32 -24.78
CA ASP A 234 0.60 14.48 -24.98
C ASP A 234 0.79 15.31 -23.72
N LYS A 235 -0.03 15.10 -22.67
CA LYS A 235 0.15 15.90 -21.46
C LYS A 235 1.41 15.48 -20.67
N GLN A 236 2.14 16.44 -20.10
CA GLN A 236 3.42 16.12 -19.45
C GLN A 236 3.60 16.89 -18.14
N GLY A 237 4.44 16.32 -17.27
CA GLY A 237 4.80 17.02 -15.98
C GLY A 237 3.51 17.59 -15.29
N GLN A 238 3.60 18.81 -14.79
CA GLN A 238 2.52 19.35 -13.93
C GLN A 238 1.15 19.45 -14.71
N MET A 239 1.22 19.52 -16.04
CA MET A 239 -0.03 19.55 -16.82
C MET A 239 -0.83 18.28 -16.66
N ILE A 240 -0.17 17.14 -16.45
CA ILE A 240 -0.94 15.91 -16.17
C ILE A 240 -1.83 16.09 -14.91
N VAL A 241 -1.26 16.68 -13.86
CA VAL A 241 -2.06 16.86 -12.60
C VAL A 241 -3.24 17.83 -12.88
N PHE A 242 -2.97 18.96 -13.53
CA PHE A 242 -4.08 19.86 -13.94
C PHE A 242 -5.21 19.18 -14.68
N HIS A 243 -4.89 18.39 -15.72
CA HIS A 243 -5.91 17.78 -16.55
C HIS A 243 -6.57 16.59 -15.82
N LEU A 244 -5.79 15.92 -14.96
CA LEU A 244 -6.38 14.83 -14.12
C LEU A 244 -7.45 15.41 -13.13
N ILE A 245 -7.17 16.57 -12.53
CA ILE A 245 -8.11 17.27 -11.58
C ILE A 245 -9.40 17.62 -12.36
N GLU A 246 -9.24 18.20 -13.56
CA GLU A 246 -10.44 18.53 -14.40
C GLU A 246 -11.20 17.30 -14.81
N LEU A 247 -10.48 16.21 -15.15
CA LEU A 247 -11.17 14.99 -15.56
C LEU A 247 -12.02 14.43 -14.43
N LEU A 248 -11.42 14.28 -13.23
CA LEU A 248 -12.12 13.69 -12.08
C LEU A 248 -13.28 14.59 -11.62
N LYS A 249 -13.12 15.89 -11.72
CA LYS A 249 -14.27 16.78 -11.38
C LYS A 249 -15.47 16.59 -12.30
N ASN A 250 -15.24 16.17 -13.54
CA ASN A 250 -16.32 15.92 -14.51
C ASN A 250 -16.80 14.49 -14.59
N ASN A 251 -16.46 13.73 -13.56
CA ASN A 251 -16.75 12.33 -13.43
C ASN A 251 -16.09 11.42 -14.43
N GLY A 252 -14.91 11.81 -14.94
CA GLY A 252 -14.15 10.90 -15.73
C GLY A 252 -13.65 9.89 -14.70
N ARG A 253 -13.71 8.61 -15.05
CA ARG A 253 -13.31 7.51 -14.10
C ARG A 253 -12.67 6.40 -14.91
N LEU A 254 -11.80 5.61 -14.26
CA LEU A 254 -11.43 4.32 -14.87
C LEU A 254 -12.69 3.48 -15.33
N PRO A 255 -12.55 2.74 -16.44
CA PRO A 255 -13.68 1.98 -16.96
C PRO A 255 -13.95 0.76 -16.10
N ARG A 256 -15.10 0.11 -16.33
CA ARG A 256 -15.36 -1.18 -15.76
C ARG A 256 -14.39 -2.22 -16.34
N PRO A 257 -13.66 -2.97 -15.47
CA PRO A 257 -12.76 -3.95 -16.07
C PRO A 257 -13.52 -5.05 -16.83
N ASP A 258 -12.96 -5.51 -17.94
CA ASP A 258 -13.61 -6.59 -18.73
C ASP A 258 -13.86 -7.75 -17.79
N GLY A 259 -15.12 -8.14 -17.66
CA GLY A 259 -15.48 -9.39 -16.99
C GLY A 259 -15.80 -9.16 -15.54
N CYS A 260 -15.69 -7.90 -15.11
CA CYS A 260 -15.87 -7.58 -13.71
C CYS A 260 -17.35 -7.71 -13.31
N PRO A 261 -17.64 -8.47 -12.25
CA PRO A 261 -19.01 -8.59 -11.70
C PRO A 261 -19.59 -7.22 -11.31
N ASP A 262 -20.88 -7.01 -11.64
CA ASP A 262 -21.56 -5.71 -11.38
C ASP A 262 -21.42 -5.24 -9.94
N GLU A 263 -21.63 -6.15 -9.00
CA GLU A 263 -21.58 -5.84 -7.57
C GLU A 263 -20.19 -5.30 -7.13
N ILE A 264 -19.17 -5.74 -7.87
CA ILE A 264 -17.78 -5.29 -7.57
C ILE A 264 -17.55 -3.93 -8.19
N TYR A 265 -17.95 -3.82 -9.46
CA TYR A 265 -17.81 -2.58 -10.19
C TYR A 265 -18.57 -1.51 -9.41
N MET A 266 -19.75 -1.84 -8.86
CA MET A 266 -20.50 -0.87 -8.05
C MET A 266 -19.71 -0.36 -6.86
N ILE A 267 -19.05 -1.27 -6.15
CA ILE A 267 -18.18 -0.87 -5.00
C ILE A 267 -17.09 0.13 -5.45
N MET A 268 -16.41 -0.15 -6.56
CA MET A 268 -15.33 0.79 -7.06
C MET A 268 -15.89 2.14 -7.23
N THR A 269 -17.07 2.23 -7.90
CA THR A 269 -17.52 3.55 -8.33
C THR A 269 -18.02 4.30 -7.10
N GLU A 270 -18.49 3.63 -6.06
CA GLU A 270 -18.85 4.25 -4.82
C GLU A 270 -17.65 4.80 -4.05
N CYS A 271 -16.52 4.07 -4.14
CA CYS A 271 -15.28 4.59 -3.54
C CYS A 271 -14.81 5.85 -4.25
N TRP A 272 -15.10 5.98 -5.54
CA TRP A 272 -14.62 7.13 -6.30
C TRP A 272 -15.68 8.22 -6.35
N ASN A 273 -16.28 8.54 -5.21
CA ASN A 273 -17.21 9.67 -5.16
C ASN A 273 -16.45 10.95 -4.98
N ASN A 274 -16.79 11.98 -5.74
CA ASN A 274 -16.17 13.29 -5.47
C ASN A 274 -16.48 13.80 -4.06
N ASN A 275 -17.67 13.45 -3.54
CA ASN A 275 -18.13 13.93 -2.25
C ASN A 275 -17.50 13.04 -1.19
N VAL A 276 -16.56 13.61 -0.41
CA VAL A 276 -15.76 12.82 0.53
C VAL A 276 -16.61 12.02 1.51
N ASN A 277 -17.62 12.67 2.07
CA ASN A 277 -18.56 12.03 3.02
C ASN A 277 -19.40 10.93 2.50
N GLN A 278 -19.60 10.87 1.18
CA GLN A 278 -20.37 9.79 0.62
C GLN A 278 -19.63 8.51 0.30
N ARG A 279 -18.31 8.49 0.35
CA ARG A 279 -17.57 7.26 0.14
C ARG A 279 -17.90 6.25 1.25
N PRO A 280 -17.93 4.95 0.97
CA PRO A 280 -18.23 3.99 2.06
C PRO A 280 -17.15 3.91 3.11
N SER A 281 -17.47 3.34 4.27
CA SER A 281 -16.41 3.09 5.30
C SER A 281 -15.77 1.75 5.10
N PHE A 282 -14.54 1.58 5.58
CA PHE A 282 -13.94 0.25 5.40
C PHE A 282 -14.67 -0.80 6.25
N ARG A 283 -15.30 -0.37 7.38
CA ARG A 283 -16.16 -1.30 8.14
CA ARG A 283 -16.14 -1.34 8.13
C ARG A 283 -17.24 -1.87 7.22
N ASP A 284 -17.95 -0.99 6.54
CA ASP A 284 -19.02 -1.44 5.61
C ASP A 284 -18.54 -2.15 4.36
N LEU A 285 -17.42 -1.73 3.78
CA LEU A 285 -16.81 -2.50 2.67
C LEU A 285 -16.51 -3.96 3.05
N ALA A 286 -15.90 -4.17 4.23
CA ALA A 286 -15.58 -5.55 4.64
C ALA A 286 -16.88 -6.42 4.79
N LEU A 287 -17.91 -5.84 5.39
CA LEU A 287 -19.22 -6.47 5.44
C LEU A 287 -19.72 -6.79 4.04
N ARG A 288 -19.76 -5.79 3.17
CA ARG A 288 -20.29 -6.05 1.84
C ARG A 288 -19.52 -7.08 1.03
N VAL A 289 -18.18 -7.01 1.09
CA VAL A 289 -17.38 -7.93 0.34
C VAL A 289 -17.54 -9.33 0.88
N ASP A 290 -17.65 -9.45 2.21
CA ASP A 290 -17.84 -10.82 2.79
C ASP A 290 -19.23 -11.41 2.42
N GLN A 291 -20.24 -10.56 2.36
CA GLN A 291 -21.60 -10.98 1.84
C GLN A 291 -21.50 -11.45 0.37
N ILE A 292 -20.86 -10.65 -0.49
CA ILE A 292 -20.61 -11.09 -1.88
C ILE A 292 -19.92 -12.49 -1.92
N ARG A 293 -18.85 -12.66 -1.13
CA ARG A 293 -18.13 -13.92 -1.11
C ARG A 293 -19.07 -15.05 -0.68
N ASP A 294 -19.90 -14.76 0.30
CA ASP A 294 -20.81 -15.75 0.86
C ASP A 294 -21.80 -16.13 -0.24
N ASN A 295 -22.32 -15.14 -0.94
CA ASN A 295 -23.20 -15.38 -2.05
C ASN A 295 -22.59 -16.31 -3.12
N MET A 296 -21.31 -16.15 -3.46
CA MET A 296 -20.58 -17.05 -4.33
C MET A 296 -20.13 -18.14 -3.35
C1 GOL B . 3.73 -19.21 -7.18
O1 GOL B . 3.59 -17.78 -7.04
C2 GOL B . 3.03 -20.03 -6.08
O2 GOL B . 1.61 -19.94 -6.24
C3 GOL B . 3.57 -21.49 -6.11
O3 GOL B . 2.65 -22.53 -5.74
C16 VVQ C . 8.84 -9.28 -0.15
C17 VVQ C . 8.75 -10.29 0.82
N18 VVQ C . 8.56 -9.96 2.12
C19 VVQ C . 8.51 -8.61 2.50
N21 VVQ C . 8.30 -8.30 3.81
N20 VVQ C . 8.64 -7.63 1.57
C15 VVQ C . 8.77 -7.94 0.21
C11 VVQ C . 8.82 -6.91 -0.69
N7 VVQ C . 8.77 -5.61 -0.27
C10 VVQ C . 8.79 -6.96 -2.07
C9 VVQ C . 8.79 -5.66 -2.54
C12 VVQ C . 8.70 -5.24 -3.92
O13 VVQ C . 8.45 -5.98 -4.89
N14 VVQ C . 8.73 -3.99 -4.24
C8 VVQ C . 8.78 -4.85 -1.42
C1 VVQ C . 8.70 -3.48 -1.28
C6 VVQ C . 9.82 -2.64 -1.25
C5 VVQ C . 9.74 -1.27 -1.02
CL VVQ C . 11.21 -0.25 -0.96
C4 VVQ C . 8.57 -0.57 -0.80
C3 VVQ C . 7.44 -1.39 -0.80
C2 VVQ C . 7.49 -2.78 -1.04
C22 VVQ C . 6.25 -3.43 -0.94
#